data_2FFI
#
_entry.id   2FFI
#
_cell.length_a   43.392
_cell.length_b   46.289
_cell.length_c   64.078
_cell.angle_alpha   80.86
_cell.angle_beta   76.86
_cell.angle_gamma   80.61
#
_symmetry.space_group_name_H-M   'P 1'
#
loop_
_entity.id
_entity.type
_entity.pdbx_description
1 polymer '2-pyrone-4,6-dicarboxylic acid hydrolase, putative'
2 non-polymer 'PHOSPHATE ION'
3 water water
#
_entity_poly.entity_id   1
_entity_poly.type   'polypeptide(L)'
_entity_poly.pdbx_seq_one_letter_code
;(MSE)RT(MSE)PDAPALHLTAIDSHAHVFSRGLNLASQRRYAPNYDAPLGDYLGQLRAHGFSHGVLVQPSFLGTDNRYL
LSALQTVPGQLRGVV(MSE)LERDVEQATLAE(MSE)ARLGVRGVRLNL(MSE)GQD(MSE)PDLTGAQWRPLLERIGEQ
GWHVELHRQVADIPVLVRALQPYGLDIVIDHFGRPDARRGLGQPGFAELLTLSGRGKVWVKVSGIYRLQGSPEENLAFAR
QALCALEAHYGAERL(MSE)WGSDWPHTQHESEVSFGSAVEQFEALGCSAQLRQALLLDTARALFGFELEHHHHHH
;
_entity_poly.pdbx_strand_id   A,B
#
# COMPACT_ATOMS: atom_id res chain seq x y z
N LEU A 10 12.26 7.09 10.83
CA LEU A 10 12.86 5.76 10.48
C LEU A 10 12.37 4.71 11.46
N HIS A 11 13.15 4.46 12.52
CA HIS A 11 12.79 3.47 13.54
C HIS A 11 11.37 3.61 14.10
N LEU A 12 10.55 2.58 13.91
CA LEU A 12 9.17 2.54 14.38
C LEU A 12 9.16 2.41 15.90
N THR A 13 9.24 3.54 16.57
CA THR A 13 9.26 3.56 18.03
C THR A 13 7.85 3.74 18.63
N ALA A 14 7.04 4.64 18.07
CA ALA A 14 5.66 4.86 18.52
C ALA A 14 4.87 5.60 17.45
N ILE A 15 3.56 5.30 17.37
CA ILE A 15 2.69 5.90 16.36
C ILE A 15 1.53 6.77 16.86
N ASP A 16 1.51 8.03 16.42
CA ASP A 16 0.46 8.99 16.77
C ASP A 16 -0.67 8.90 15.76
N SER A 17 -1.85 8.46 16.18
CA SER A 17 -2.97 8.40 15.24
C SER A 17 -3.77 9.69 15.42
N HIS A 18 -4.29 10.25 14.34
CA HIS A 18 -5.08 11.48 14.42
C HIS A 18 -4.28 12.77 14.70
N ALA A 19 -4.17 13.61 13.69
CA ALA A 19 -3.46 14.88 13.78
C ALA A 19 -3.73 15.69 12.50
N HIS A 20 -3.60 17.00 12.56
CA HIS A 20 -3.85 17.85 11.41
C HIS A 20 -2.67 18.75 11.07
N VAL A 21 -2.54 19.10 9.78
CA VAL A 21 -1.50 20.01 9.35
C VAL A 21 -2.12 20.91 8.28
N PHE A 22 -1.70 22.17 8.25
CA PHE A 22 -2.21 23.14 7.26
C PHE A 22 -1.39 24.41 7.37
N SER A 23 -1.10 25.05 6.24
CA SER A 23 -0.29 26.25 6.24
C SER A 23 -1.11 27.55 6.28
N ARG A 24 -0.68 28.48 7.14
CA ARG A 24 -1.34 29.77 7.31
C ARG A 24 -1.24 30.58 6.01
N GLY A 25 -0.14 30.41 5.30
CA GLY A 25 0.04 31.09 4.04
C GLY A 25 -0.93 30.55 2.99
N LEU A 26 -1.23 29.25 3.09
CA LEU A 26 -2.16 28.59 2.19
C LEU A 26 -3.60 28.91 2.59
N ASN A 27 -3.83 29.04 3.89
CA ASN A 27 -5.16 29.37 4.42
C ASN A 27 -5.46 30.84 4.15
N LEU A 28 -4.45 31.59 3.71
CA LEU A 28 -4.59 33.02 3.41
C LEU A 28 -4.51 33.24 1.89
N ALA A 29 -3.73 32.40 1.21
CA ALA A 29 -3.61 32.51 -0.24
C ALA A 29 -4.84 31.91 -0.93
N SER A 30 -5.39 30.83 -0.38
CA SER A 30 -6.58 30.21 -0.96
C SER A 30 -7.87 30.79 -0.37
N GLN A 31 -7.71 31.66 0.63
CA GLN A 31 -8.81 32.33 1.31
C GLN A 31 -9.86 31.42 1.98
N ARG A 32 -9.68 31.21 3.28
CA ARG A 32 -10.57 30.42 4.10
C ARG A 32 -10.89 31.30 5.32
N ARG A 33 -11.98 31.00 6.03
CA ARG A 33 -12.32 31.84 7.16
C ARG A 33 -12.83 31.13 8.42
N TYR A 34 -13.28 29.88 8.30
CA TYR A 34 -13.80 29.16 9.47
C TYR A 34 -12.86 29.12 10.68
N ALA A 35 -11.98 28.12 10.75
CA ALA A 35 -11.04 28.04 11.88
C ALA A 35 -9.57 28.12 11.45
N PRO A 36 -9.25 29.04 10.53
CA PRO A 36 -7.84 29.13 10.11
C PRO A 36 -7.17 30.42 10.54
N ASN A 37 -6.17 30.32 11.40
CA ASN A 37 -5.47 31.52 11.84
C ASN A 37 -3.98 31.30 12.00
N TYR A 38 -3.61 30.29 12.78
CA TYR A 38 -2.21 29.97 12.99
C TYR A 38 -1.78 28.97 11.94
N ASP A 39 -0.49 28.66 11.94
CA ASP A 39 0.08 27.76 10.95
C ASP A 39 0.51 26.44 11.59
N ALA A 40 0.11 25.33 10.96
CA ALA A 40 0.45 23.99 11.46
C ALA A 40 1.21 23.22 10.38
N PRO A 41 2.38 23.73 9.97
CA PRO A 41 3.18 23.07 8.94
C PRO A 41 3.66 21.66 9.33
N LEU A 42 3.99 20.85 8.34
CA LEU A 42 4.45 19.51 8.59
C LEU A 42 5.64 19.56 9.55
N GLY A 43 6.58 20.44 9.25
CA GLY A 43 7.75 20.56 10.10
C GLY A 43 7.44 20.68 11.58
N ASP A 44 6.50 21.54 11.93
CA ASP A 44 6.19 21.69 13.33
C ASP A 44 5.70 20.40 13.94
N TYR A 45 4.77 19.75 13.26
CA TYR A 45 4.22 18.49 13.73
C TYR A 45 5.29 17.41 13.88
N LEU A 46 6.13 17.31 12.86
CA LEU A 46 7.21 16.35 12.87
C LEU A 46 8.12 16.64 14.05
N GLY A 47 8.32 17.93 14.34
CA GLY A 47 9.17 18.30 15.46
C GLY A 47 8.57 17.88 16.79
N GLN A 48 7.31 18.26 16.99
CA GLN A 48 6.58 17.91 18.18
C GLN A 48 6.54 16.40 18.36
N LEU A 49 6.54 15.65 17.26
CA LEU A 49 6.51 14.18 17.33
C LEU A 49 7.83 13.64 17.91
N ARG A 50 8.96 13.94 17.27
CA ARG A 50 10.23 13.41 17.75
C ARG A 50 10.54 13.91 19.13
N ALA A 51 10.07 15.11 19.42
CA ALA A 51 10.33 15.71 20.70
C ALA A 51 9.64 14.96 21.82
N HIS A 52 8.61 14.18 21.50
CA HIS A 52 7.91 13.42 22.54
C HIS A 52 7.95 11.91 22.38
N GLY A 53 8.88 11.42 21.57
CA GLY A 53 8.96 10.00 21.36
C GLY A 53 8.45 9.62 19.98
N PHE A 54 7.14 9.50 19.85
CA PHE A 54 6.48 9.13 18.58
C PHE A 54 7.32 9.39 17.34
N SER A 55 7.37 8.39 16.46
CA SER A 55 8.15 8.46 15.23
C SER A 55 7.29 8.48 13.96
N HIS A 56 6.09 7.95 14.06
CA HIS A 56 5.19 7.87 12.92
C HIS A 56 3.87 8.51 13.33
N GLY A 57 3.14 9.02 12.35
CA GLY A 57 1.87 9.67 12.66
C GLY A 57 0.87 9.55 11.53
N VAL A 58 -0.38 9.87 11.83
CA VAL A 58 -1.49 9.81 10.89
C VAL A 58 -2.08 11.20 10.67
N LEU A 59 -1.97 11.72 9.46
CA LEU A 59 -2.52 13.03 9.15
C LEU A 59 -4.00 12.88 8.82
N VAL A 60 -4.86 13.49 9.58
CA VAL A 60 -6.27 13.40 9.26
C VAL A 60 -6.64 14.70 8.58
N GLN A 61 -7.53 14.61 7.62
CA GLN A 61 -7.98 15.80 6.90
C GLN A 61 -8.69 16.74 7.88
N PRO A 62 -8.28 18.02 7.91
CA PRO A 62 -8.91 18.98 8.82
C PRO A 62 -10.27 19.42 8.23
N SER A 63 -11.33 19.43 9.04
CA SER A 63 -12.65 19.81 8.55
C SER A 63 -12.75 21.05 7.67
N PHE A 64 -12.14 22.15 8.10
CA PHE A 64 -12.22 23.40 7.33
C PHE A 64 -11.65 23.35 5.91
N LEU A 65 -11.15 22.19 5.49
CA LEU A 65 -10.56 22.05 4.17
C LEU A 65 -11.47 21.20 3.27
N GLY A 66 -12.46 20.56 3.88
CA GLY A 66 -13.40 19.75 3.15
C GLY A 66 -12.74 18.66 2.32
N THR A 67 -13.11 18.56 1.05
CA THR A 67 -12.56 17.53 0.18
C THR A 67 -11.19 17.82 -0.40
N ASP A 68 -10.71 19.06 -0.25
CA ASP A 68 -9.39 19.38 -0.78
C ASP A 68 -8.33 18.73 0.12
N ASN A 69 -7.81 17.58 -0.30
CA ASN A 69 -6.80 16.87 0.46
C ASN A 69 -5.40 17.09 -0.11
N ARG A 70 -5.21 18.20 -0.83
CA ARG A 70 -3.92 18.51 -1.44
C ARG A 70 -2.75 18.71 -0.47
N TYR A 71 -2.98 19.39 0.65
CA TYR A 71 -1.91 19.61 1.60
C TYR A 71 -1.55 18.30 2.28
N LEU A 72 -2.58 17.55 2.71
CA LEU A 72 -2.34 16.27 3.35
C LEU A 72 -1.56 15.37 2.39
N LEU A 73 -2.03 15.26 1.15
CA LEU A 73 -1.36 14.44 0.15
C LEU A 73 0.09 14.87 -0.10
N SER A 74 0.32 16.19 -0.14
CA SER A 74 1.65 16.77 -0.37
C SER A 74 2.60 16.51 0.82
N ALA A 75 2.05 16.40 2.01
CA ALA A 75 2.86 16.16 3.20
C ALA A 75 3.18 14.69 3.36
N LEU A 76 2.33 13.82 2.80
CA LEU A 76 2.54 12.39 2.87
C LEU A 76 3.77 12.01 2.04
N GLN A 77 3.87 12.61 0.85
CA GLN A 77 4.99 12.33 -0.04
C GLN A 77 6.28 12.97 0.49
N THR A 78 6.13 14.09 1.20
CA THR A 78 7.26 14.83 1.77
C THR A 78 8.06 13.95 2.73
N VAL A 79 7.36 13.17 3.52
CA VAL A 79 8.00 12.26 4.45
C VAL A 79 7.40 10.89 4.20
N PRO A 80 7.88 10.21 3.16
CA PRO A 80 7.39 8.87 2.80
C PRO A 80 7.57 7.80 3.88
N GLY A 81 6.52 7.00 4.08
CA GLY A 81 6.58 5.94 5.07
C GLY A 81 6.28 6.41 6.47
N GLN A 82 6.76 7.60 6.82
CA GLN A 82 6.57 8.14 8.17
C GLN A 82 5.13 8.46 8.55
N LEU A 83 4.27 8.74 7.58
CA LEU A 83 2.90 9.08 7.87
C LEU A 83 1.91 8.31 7.02
N ARG A 84 0.64 8.30 7.45
CA ARG A 84 -0.39 7.63 6.67
C ARG A 84 -1.53 8.58 6.39
N GLY A 85 -2.15 9.10 7.43
CA GLY A 85 -3.24 10.03 7.21
C GLY A 85 -4.50 9.55 6.50
N VAL A 86 -5.64 10.12 6.91
CA VAL A 86 -6.96 9.82 6.37
C VAL A 86 -7.50 11.07 5.68
N VAL A 87 -8.35 10.88 4.67
CA VAL A 87 -8.91 12.02 3.93
C VAL A 87 -10.45 12.11 3.99
N LEU A 89 -13.65 12.48 1.32
CA LEU A 89 -14.01 12.36 -0.09
C LEU A 89 -15.40 12.88 -0.43
N GLU A 90 -15.54 13.38 -1.65
CA GLU A 90 -16.81 13.90 -2.10
C GLU A 90 -17.77 12.71 -2.27
N ARG A 91 -19.07 13.00 -2.30
CA ARG A 91 -20.08 11.95 -2.43
C ARG A 91 -19.68 10.83 -3.38
N ASP A 92 -19.66 11.11 -4.69
CA ASP A 92 -19.30 10.10 -5.67
C ASP A 92 -17.86 10.25 -6.19
N VAL A 93 -17.01 9.28 -5.83
CA VAL A 93 -15.62 9.30 -6.24
C VAL A 93 -15.24 7.97 -6.88
N GLU A 94 -14.39 8.01 -7.89
CA GLU A 94 -13.99 6.79 -8.58
C GLU A 94 -12.82 6.05 -7.96
N GLN A 95 -12.82 4.73 -8.05
CA GLN A 95 -11.74 3.91 -7.51
C GLN A 95 -10.38 4.39 -7.94
N ALA A 96 -10.28 4.89 -9.17
CA ALA A 96 -9.00 5.37 -9.65
C ALA A 96 -8.33 6.31 -8.65
N THR A 97 -9.03 7.34 -8.17
CA THR A 97 -8.38 8.25 -7.24
C THR A 97 -8.12 7.63 -5.87
N LEU A 98 -8.97 6.70 -5.43
CA LEU A 98 -8.78 6.06 -4.13
C LEU A 98 -7.49 5.22 -4.13
N ALA A 99 -7.24 4.53 -5.24
CA ALA A 99 -6.06 3.70 -5.35
C ALA A 99 -4.84 4.59 -5.29
N GLU A 100 -4.83 5.63 -6.11
CA GLU A 100 -3.71 6.56 -6.16
C GLU A 100 -3.46 7.23 -4.81
N ALA A 102 -4.22 5.62 -1.79
CA ALA A 102 -3.70 4.54 -0.94
C ALA A 102 -2.25 4.34 -1.31
N ARG A 103 -1.94 4.63 -2.56
CA ARG A 103 -0.58 4.47 -3.00
C ARG A 103 0.24 5.59 -2.34
N LEU A 104 -0.42 6.67 -1.97
CA LEU A 104 0.27 7.80 -1.33
C LEU A 104 0.39 7.61 0.15
N GLY A 105 -0.45 6.76 0.72
CA GLY A 105 -0.39 6.53 2.13
C GLY A 105 -1.68 6.71 2.91
N VAL A 106 -2.76 7.12 2.25
CA VAL A 106 -4.02 7.27 2.99
C VAL A 106 -4.72 5.93 3.14
N ARG A 107 -5.09 5.62 4.37
CA ARG A 107 -5.71 4.35 4.68
C ARG A 107 -7.15 4.39 5.22
N GLY A 108 -7.80 5.55 5.11
CA GLY A 108 -9.15 5.64 5.61
C GLY A 108 -9.84 6.89 5.14
N VAL A 109 -11.14 7.00 5.42
CA VAL A 109 -11.92 8.18 5.05
C VAL A 109 -12.66 8.61 6.29
N ARG A 110 -12.76 9.92 6.50
CA ARG A 110 -13.44 10.48 7.64
C ARG A 110 -14.65 11.25 7.14
N LEU A 111 -15.83 10.90 7.63
CA LEU A 111 -17.04 11.58 7.24
C LEU A 111 -17.06 12.92 7.97
N ASN A 112 -16.72 12.84 9.27
CA ASN A 112 -16.66 14.00 10.19
C ASN A 112 -17.91 14.86 10.21
N LEU A 113 -18.90 14.47 11.02
CA LEU A 113 -20.15 15.22 11.11
C LEU A 113 -20.06 16.34 12.15
N GLY A 115 -21.55 18.64 14.55
CA GLY A 115 -22.04 19.98 14.27
C GLY A 115 -22.59 20.06 12.84
N GLN A 116 -22.80 18.89 12.24
CA GLN A 116 -23.34 18.77 10.90
C GLN A 116 -24.63 17.98 10.95
N ASP A 117 -25.38 18.03 9.85
CA ASP A 117 -26.65 17.31 9.76
C ASP A 117 -26.46 15.81 9.67
N PRO A 119 -26.31 12.28 8.68
CA PRO A 119 -26.40 11.60 7.38
C PRO A 119 -27.00 10.20 7.54
N ASP A 120 -27.66 9.71 6.50
CA ASP A 120 -28.25 8.38 6.56
C ASP A 120 -27.33 7.42 5.81
N LEU A 121 -26.32 6.89 6.50
CA LEU A 121 -25.38 5.97 5.88
C LEU A 121 -26.01 4.73 5.25
N THR A 122 -27.09 4.24 5.85
CA THR A 122 -27.75 3.06 5.32
C THR A 122 -28.52 3.45 4.06
N GLY A 123 -28.58 4.76 3.81
CA GLY A 123 -29.29 5.27 2.64
C GLY A 123 -28.63 4.88 1.32
N ALA A 124 -29.12 5.42 0.21
CA ALA A 124 -28.56 5.09 -1.09
C ALA A 124 -27.72 6.22 -1.65
N GLN A 125 -27.72 7.36 -0.96
CA GLN A 125 -26.94 8.50 -1.42
C GLN A 125 -25.52 8.45 -0.84
N TRP A 126 -25.23 7.41 -0.07
CA TRP A 126 -23.92 7.24 0.52
C TRP A 126 -23.27 5.92 0.12
N ARG A 127 -24.09 4.92 -0.18
CA ARG A 127 -23.62 3.59 -0.58
C ARG A 127 -22.57 3.65 -1.70
N PRO A 128 -22.81 4.48 -2.73
CA PRO A 128 -21.86 4.61 -3.84
C PRO A 128 -20.41 4.82 -3.40
N LEU A 129 -20.24 5.55 -2.30
CA LEU A 129 -18.94 5.86 -1.72
C LEU A 129 -18.50 4.79 -0.73
N LEU A 130 -19.43 4.32 0.09
CA LEU A 130 -19.14 3.29 1.06
C LEU A 130 -18.62 2.02 0.39
N GLU A 131 -19.10 1.73 -0.82
CA GLU A 131 -18.62 0.56 -1.54
C GLU A 131 -17.22 0.83 -2.07
N ARG A 132 -16.99 2.05 -2.57
CA ARG A 132 -15.67 2.40 -3.09
C ARG A 132 -14.58 2.21 -2.05
N ILE A 133 -14.81 2.69 -0.81
CA ILE A 133 -13.79 2.55 0.23
C ILE A 133 -13.65 1.13 0.71
N GLY A 134 -14.73 0.35 0.58
CA GLY A 134 -14.69 -1.04 1.01
C GLY A 134 -13.77 -1.86 0.13
N GLU A 135 -13.88 -1.68 -1.19
CA GLU A 135 -13.07 -2.41 -2.16
C GLU A 135 -11.60 -2.03 -2.03
N GLN A 136 -11.34 -0.89 -1.38
CA GLN A 136 -9.96 -0.45 -1.17
C GLN A 136 -9.46 -0.92 0.20
N GLY A 137 -10.38 -1.35 1.04
CA GLY A 137 -10.00 -1.83 2.35
C GLY A 137 -9.88 -0.74 3.39
N TRP A 138 -10.12 0.50 2.96
CA TRP A 138 -10.05 1.68 3.83
C TRP A 138 -11.08 1.65 4.95
N HIS A 139 -10.73 2.20 6.10
CA HIS A 139 -11.68 2.22 7.20
C HIS A 139 -12.43 3.55 7.16
N VAL A 140 -13.50 3.63 7.95
CA VAL A 140 -14.32 4.84 8.02
C VAL A 140 -14.25 5.44 9.42
N GLU A 141 -13.78 6.68 9.50
CA GLU A 141 -13.64 7.39 10.76
C GLU A 141 -14.88 8.18 11.12
N LEU A 142 -15.34 8.02 12.36
CA LEU A 142 -16.51 8.73 12.83
C LEU A 142 -16.16 9.77 13.88
N HIS A 143 -16.93 10.85 13.91
CA HIS A 143 -16.72 11.92 14.86
C HIS A 143 -18.06 12.59 15.14
N ARG A 144 -18.70 12.22 16.24
CA ARG A 144 -19.98 12.82 16.59
C ARG A 144 -20.38 12.46 18.02
N GLN A 145 -21.39 13.12 18.58
CA GLN A 145 -21.79 12.83 19.97
C GLN A 145 -21.96 11.34 20.15
N VAL A 146 -21.55 10.81 21.31
CA VAL A 146 -21.69 9.38 21.55
C VAL A 146 -23.11 8.93 21.32
N ALA A 147 -24.06 9.83 21.52
CA ALA A 147 -25.48 9.52 21.36
C ALA A 147 -25.81 9.00 19.97
N ASP A 148 -25.11 9.51 18.96
CA ASP A 148 -25.36 9.09 17.57
C ASP A 148 -24.40 8.03 17.04
N ILE A 149 -23.32 7.76 17.76
CA ILE A 149 -22.34 6.77 17.34
C ILE A 149 -22.94 5.39 17.06
N PRO A 150 -23.58 4.76 18.05
CA PRO A 150 -24.16 3.42 17.80
C PRO A 150 -25.08 3.32 16.58
N VAL A 151 -25.66 4.45 16.15
CA VAL A 151 -26.55 4.43 15.00
C VAL A 151 -25.76 4.50 13.72
N LEU A 152 -24.67 5.27 13.73
CA LEU A 152 -23.80 5.41 12.57
C LEU A 152 -22.97 4.14 12.38
N VAL A 153 -22.61 3.50 13.50
CA VAL A 153 -21.82 2.27 13.48
C VAL A 153 -22.63 1.11 12.92
N ARG A 154 -23.88 1.02 13.35
CA ARG A 154 -24.78 -0.04 12.91
C ARG A 154 -25.23 0.13 11.47
N ALA A 155 -25.07 1.34 10.95
CA ALA A 155 -25.43 1.64 9.57
C ALA A 155 -24.28 1.20 8.66
N LEU A 156 -23.05 1.41 9.11
CA LEU A 156 -21.87 1.03 8.33
C LEU A 156 -21.51 -0.43 8.60
N GLN A 157 -22.18 -1.01 9.59
CA GLN A 157 -21.96 -2.38 10.01
C GLN A 157 -22.09 -3.38 8.85
N PRO A 158 -23.19 -3.33 8.08
CA PRO A 158 -23.39 -4.25 6.96
C PRO A 158 -22.32 -4.24 5.89
N TYR A 159 -21.80 -3.05 5.59
CA TYR A 159 -20.77 -2.88 4.57
C TYR A 159 -19.49 -3.65 4.86
N GLY A 160 -19.43 -4.25 6.05
CA GLY A 160 -18.28 -5.05 6.46
C GLY A 160 -16.93 -4.36 6.40
N LEU A 161 -16.83 -3.21 7.03
CA LEU A 161 -15.59 -2.50 7.01
C LEU A 161 -15.21 -2.00 8.40
N ASP A 162 -13.95 -1.64 8.56
CA ASP A 162 -13.43 -1.14 9.81
C ASP A 162 -14.05 0.20 10.14
N ILE A 163 -14.44 0.36 11.40
CA ILE A 163 -15.04 1.60 11.86
C ILE A 163 -14.22 2.14 13.03
N VAL A 164 -13.67 3.34 12.82
CA VAL A 164 -12.87 4.04 13.82
C VAL A 164 -13.65 5.19 14.45
N ILE A 165 -13.85 5.12 15.77
CA ILE A 165 -14.58 6.14 16.53
C ILE A 165 -13.64 7.15 17.18
N ASP A 166 -13.86 8.44 16.93
CA ASP A 166 -13.02 9.52 17.45
C ASP A 166 -13.29 9.97 18.87
N HIS A 167 -12.21 10.28 19.59
CA HIS A 167 -12.25 10.77 20.96
C HIS A 167 -13.22 10.07 21.88
N PHE A 168 -12.93 8.83 22.22
CA PHE A 168 -13.80 8.09 23.15
C PHE A 168 -15.25 8.03 22.70
N GLY A 169 -15.51 8.54 21.50
CA GLY A 169 -16.87 8.52 21.04
C GLY A 169 -17.50 9.87 21.35
N ARG A 170 -16.68 10.80 21.80
CA ARG A 170 -17.13 12.15 22.14
C ARG A 170 -18.31 12.10 23.10
N PRO A 171 -18.15 11.42 24.23
CA PRO A 171 -19.22 11.33 25.21
C PRO A 171 -19.15 12.56 26.10
N ASP A 172 -19.98 12.60 27.13
CA ASP A 172 -20.04 13.72 28.07
C ASP A 172 -19.30 13.34 29.37
N ALA A 173 -18.11 13.88 29.59
CA ALA A 173 -17.33 13.58 30.81
C ALA A 173 -18.14 13.74 32.10
N ARG A 174 -19.07 14.68 32.12
CA ARG A 174 -19.89 14.88 33.30
C ARG A 174 -21.25 14.23 33.11
N ARG A 175 -21.26 12.92 32.91
CA ARG A 175 -22.51 12.19 32.68
C ARG A 175 -22.43 10.71 33.04
N GLY A 176 -21.22 10.19 33.16
CA GLY A 176 -21.04 8.79 33.50
C GLY A 176 -20.90 7.87 32.31
N LEU A 177 -20.73 6.58 32.59
CA LEU A 177 -20.56 5.56 31.57
C LEU A 177 -21.90 5.05 31.05
N GLY A 178 -22.97 5.30 31.81
CA GLY A 178 -24.28 4.87 31.40
C GLY A 178 -24.96 5.89 30.52
N GLN A 179 -24.19 6.86 30.04
CA GLN A 179 -24.71 7.89 29.16
C GLN A 179 -25.59 7.27 28.10
N PRO A 180 -26.46 8.09 27.49
CA PRO A 180 -27.36 7.60 26.44
C PRO A 180 -26.65 6.96 25.24
N GLY A 181 -25.45 7.41 24.92
CA GLY A 181 -24.76 6.82 23.79
C GLY A 181 -23.60 5.91 24.15
N PHE A 182 -22.91 6.26 25.23
CA PHE A 182 -21.76 5.47 25.66
C PHE A 182 -22.13 4.10 26.16
N ALA A 183 -23.32 4.00 26.73
CA ALA A 183 -23.79 2.72 27.25
C ALA A 183 -23.88 1.71 26.12
N GLU A 184 -24.60 2.07 25.05
CA GLU A 184 -24.75 1.17 23.90
C GLU A 184 -23.38 0.83 23.33
N LEU A 185 -22.43 1.74 23.48
CA LEU A 185 -21.08 1.55 22.99
C LEU A 185 -20.36 0.40 23.74
N LEU A 186 -20.53 0.33 25.06
CA LEU A 186 -19.88 -0.70 25.86
C LEU A 186 -20.61 -2.03 25.74
N THR A 187 -21.62 -2.06 24.89
CA THR A 187 -22.42 -3.26 24.71
C THR A 187 -22.64 -3.49 23.23
N LEU A 188 -22.08 -2.62 22.41
CA LEU A 188 -22.25 -2.72 20.96
C LEU A 188 -21.88 -4.09 20.41
N SER A 189 -22.41 -4.41 19.23
CA SER A 189 -22.14 -5.67 18.57
C SER A 189 -21.12 -5.45 17.45
N GLY A 190 -19.86 -5.29 17.84
CA GLY A 190 -18.80 -5.06 16.87
C GLY A 190 -17.95 -6.31 16.69
N ARG A 191 -18.04 -6.91 15.50
CA ARG A 191 -17.28 -8.12 15.20
C ARG A 191 -15.80 -7.81 15.00
N GLY A 192 -15.21 -7.19 16.02
CA GLY A 192 -13.80 -6.84 15.98
C GLY A 192 -13.44 -5.86 14.87
N LYS A 193 -14.46 -5.36 14.19
CA LYS A 193 -14.25 -4.44 13.09
C LYS A 193 -14.44 -3.00 13.58
N VAL A 194 -14.58 -2.83 14.89
CA VAL A 194 -14.76 -1.49 15.45
C VAL A 194 -13.60 -1.02 16.33
N TRP A 195 -13.03 0.12 15.93
CA TRP A 195 -11.91 0.74 16.62
C TRP A 195 -12.37 2.00 17.29
N VAL A 196 -11.74 2.30 18.41
CA VAL A 196 -12.08 3.49 19.14
C VAL A 196 -10.79 4.22 19.50
N LYS A 197 -10.75 5.50 19.20
CA LYS A 197 -9.59 6.33 19.49
C LYS A 197 -9.70 7.04 20.83
N VAL A 198 -8.65 6.90 21.63
CA VAL A 198 -8.58 7.55 22.93
C VAL A 198 -7.69 8.77 22.72
N SER A 199 -8.33 9.91 22.48
CA SER A 199 -7.65 11.16 22.21
C SER A 199 -8.49 12.39 22.52
N GLY A 200 -7.81 13.52 22.66
CA GLY A 200 -8.49 14.77 22.93
C GLY A 200 -9.45 14.67 24.09
N ILE A 201 -8.97 14.31 25.27
CA ILE A 201 -9.92 14.21 26.37
C ILE A 201 -10.41 15.62 26.67
N TYR A 202 -9.62 16.64 26.32
CA TYR A 202 -10.03 18.02 26.59
C TYR A 202 -11.25 18.45 25.79
N ARG A 203 -11.91 17.48 25.14
CA ARG A 203 -13.11 17.77 24.36
C ARG A 203 -14.37 17.22 25.01
N LEU A 204 -14.21 16.52 26.12
CA LEU A 204 -15.33 15.93 26.82
C LEU A 204 -16.29 16.87 27.54
N GLN A 205 -16.37 18.13 27.08
CA GLN A 205 -17.27 19.13 27.66
C GLN A 205 -17.15 19.30 29.17
N GLY A 206 -15.99 18.98 29.72
CA GLY A 206 -15.85 19.13 31.14
C GLY A 206 -14.59 19.86 31.56
N SER A 207 -14.32 19.80 32.86
CA SER A 207 -13.14 20.43 33.42
C SER A 207 -11.96 19.49 33.23
N PRO A 208 -10.76 20.03 33.00
CA PRO A 208 -9.58 19.19 32.79
C PRO A 208 -9.41 18.05 33.79
N GLU A 209 -10.03 18.20 34.96
CA GLU A 209 -9.95 17.20 36.04
C GLU A 209 -11.11 16.21 35.96
N GLU A 210 -12.20 16.62 35.35
CA GLU A 210 -13.37 15.76 35.22
C GLU A 210 -13.23 14.86 34.00
N ASN A 211 -12.78 15.44 32.89
CA ASN A 211 -12.58 14.70 31.65
C ASN A 211 -11.54 13.63 31.91
N LEU A 212 -10.51 14.01 32.65
CA LEU A 212 -9.42 13.12 32.96
C LEU A 212 -9.92 11.97 33.83
N ALA A 213 -10.83 12.25 34.75
CA ALA A 213 -11.36 11.18 35.60
C ALA A 213 -12.22 10.24 34.76
N PHE A 214 -12.98 10.81 33.83
CA PHE A 214 -13.85 10.03 32.97
C PHE A 214 -13.07 9.31 31.88
N ALA A 215 -12.00 9.94 31.41
CA ALA A 215 -11.17 9.32 30.40
C ALA A 215 -10.58 8.05 30.98
N ARG A 216 -10.32 8.08 32.29
CA ARG A 216 -9.75 6.94 33.01
C ARG A 216 -10.74 5.78 33.08
N GLN A 217 -11.97 6.09 33.45
CA GLN A 217 -13.01 5.09 33.56
C GLN A 217 -13.35 4.55 32.17
N ALA A 218 -13.51 5.46 31.22
CA ALA A 218 -13.85 5.13 29.84
C ALA A 218 -12.89 4.12 29.23
N LEU A 219 -11.60 4.35 29.44
CA LEU A 219 -10.56 3.46 28.92
C LEU A 219 -10.76 2.06 29.46
N CYS A 220 -10.78 1.92 30.78
CA CYS A 220 -10.96 0.61 31.36
C CYS A 220 -12.20 -0.09 30.85
N ALA A 221 -13.31 0.63 30.68
CA ALA A 221 -14.54 0.00 30.20
C ALA A 221 -14.45 -0.32 28.72
N LEU A 222 -13.91 0.62 27.96
CA LEU A 222 -13.74 0.46 26.54
C LEU A 222 -12.88 -0.77 26.24
N GLU A 223 -11.66 -0.82 26.77
CA GLU A 223 -10.78 -1.95 26.51
C GLU A 223 -11.38 -3.27 26.98
N ALA A 224 -12.24 -3.20 27.99
CA ALA A 224 -12.85 -4.42 28.51
C ALA A 224 -13.84 -5.03 27.53
N HIS A 225 -14.39 -4.19 26.64
CA HIS A 225 -15.36 -4.64 25.65
C HIS A 225 -14.78 -4.76 24.24
N TYR A 226 -13.80 -3.94 23.93
CA TYR A 226 -13.20 -3.98 22.60
C TYR A 226 -11.83 -4.63 22.61
N GLY A 227 -11.05 -4.35 23.65
CA GLY A 227 -9.71 -4.92 23.76
C GLY A 227 -8.64 -3.92 23.39
N ALA A 228 -7.43 -4.14 23.90
CA ALA A 228 -6.28 -3.27 23.63
C ALA A 228 -5.95 -3.17 22.14
N GLU A 229 -6.19 -4.27 21.41
CA GLU A 229 -5.91 -4.31 19.97
C GLU A 229 -6.91 -3.47 19.17
N ARG A 230 -7.76 -2.73 19.88
CA ARG A 230 -8.76 -1.91 19.23
C ARG A 230 -8.78 -0.48 19.73
N LEU A 231 -7.88 -0.16 20.65
CA LEU A 231 -7.78 1.19 21.17
C LEU A 231 -6.42 1.80 20.83
N TRP A 233 -4.01 5.65 20.78
CA TRP A 233 -3.89 7.03 21.24
C TRP A 233 -3.65 8.05 20.15
N GLY A 234 -4.30 9.20 20.28
CA GLY A 234 -4.11 10.28 19.33
C GLY A 234 -3.72 11.57 20.03
N SER A 235 -2.97 12.45 19.37
CA SER A 235 -2.61 13.69 20.02
C SER A 235 -3.66 14.74 19.69
N ASP A 236 -4.19 14.66 18.46
CA ASP A 236 -5.21 15.59 18.00
C ASP A 236 -4.63 16.97 17.74
N TRP A 237 -3.31 17.02 17.63
CA TRP A 237 -2.58 18.26 17.38
C TRP A 237 -3.10 18.85 16.06
N PRO A 238 -3.07 20.19 15.91
CA PRO A 238 -2.59 21.17 16.88
C PRO A 238 -3.61 21.50 17.97
N HIS A 239 -4.59 20.61 18.13
CA HIS A 239 -5.66 20.79 19.12
C HIS A 239 -6.44 22.05 18.75
N THR A 240 -7.33 21.96 17.77
CA THR A 240 -8.12 23.12 17.35
C THR A 240 -9.19 23.48 18.38
N GLN A 241 -9.38 24.79 18.58
CA GLN A 241 -10.35 25.35 19.54
C GLN A 241 -9.90 25.16 20.99
N HIS A 242 -8.64 24.75 21.15
CA HIS A 242 -8.06 24.50 22.46
C HIS A 242 -6.55 24.73 22.37
N GLU A 243 -6.12 25.59 21.46
CA GLU A 243 -4.69 25.87 21.28
C GLU A 243 -4.11 26.51 22.52
N SER A 244 -4.90 27.37 23.15
CA SER A 244 -4.48 28.10 24.33
C SER A 244 -4.28 27.23 25.55
N GLU A 245 -5.06 26.16 25.63
CA GLU A 245 -4.99 25.27 26.78
C GLU A 245 -4.16 23.99 26.58
N VAL A 246 -4.13 23.49 25.35
CA VAL A 246 -3.42 22.25 25.02
C VAL A 246 -2.27 22.34 24.06
N SER A 247 -1.29 21.47 24.28
CA SER A 247 -0.09 21.35 23.44
C SER A 247 0.25 19.87 23.36
N PHE A 248 1.10 19.51 22.39
CA PHE A 248 1.49 18.12 22.25
C PHE A 248 1.95 17.57 23.61
N GLY A 249 2.79 18.32 24.30
CA GLY A 249 3.24 17.87 25.60
C GLY A 249 2.14 17.71 26.63
N SER A 250 1.21 18.67 26.72
CA SER A 250 0.12 18.58 27.69
C SER A 250 -0.79 17.43 27.32
N ALA A 251 -0.78 17.03 26.06
CA ALA A 251 -1.60 15.91 25.62
C ALA A 251 -0.95 14.59 26.07
N VAL A 252 0.36 14.48 25.92
CA VAL A 252 1.09 13.26 26.32
C VAL A 252 0.99 13.08 27.86
N GLU A 253 1.17 14.20 28.55
CA GLU A 253 1.08 14.25 30.01
C GLU A 253 -0.26 13.72 30.49
N GLN A 254 -1.32 13.95 29.71
CA GLN A 254 -2.64 13.44 30.07
C GLN A 254 -2.67 11.95 29.77
N PHE A 255 -1.88 11.53 28.81
CA PHE A 255 -1.85 10.11 28.49
C PHE A 255 -1.17 9.41 29.65
N GLU A 256 0.00 9.91 30.02
CA GLU A 256 0.76 9.36 31.13
C GLU A 256 -0.12 9.33 32.38
N ALA A 257 -1.01 10.30 32.50
CA ALA A 257 -1.89 10.38 33.66
C ALA A 257 -2.91 9.26 33.73
N LEU A 258 -3.40 8.79 32.59
CA LEU A 258 -4.38 7.71 32.58
C LEU A 258 -3.91 6.56 33.45
N GLY A 259 -2.59 6.39 33.51
CA GLY A 259 -2.02 5.31 34.31
C GLY A 259 -2.22 3.96 33.68
N CYS A 260 -1.81 3.84 32.42
CA CYS A 260 -1.94 2.60 31.68
C CYS A 260 -0.72 1.73 31.90
N SER A 261 -0.95 0.43 32.12
CA SER A 261 0.15 -0.51 32.34
C SER A 261 1.02 -0.53 31.09
N ALA A 262 2.28 -0.95 31.24
CA ALA A 262 3.19 -0.99 30.11
C ALA A 262 2.59 -1.69 28.88
N GLN A 263 1.79 -2.74 29.09
CA GLN A 263 1.18 -3.48 27.98
C GLN A 263 0.24 -2.63 27.12
N LEU A 264 -0.73 -2.01 27.76
CA LEU A 264 -1.72 -1.18 27.08
C LEU A 264 -1.07 -0.01 26.36
N ARG A 265 -0.08 0.60 27.00
CA ARG A 265 0.63 1.73 26.39
C ARG A 265 1.28 1.33 25.06
N GLN A 266 1.76 0.10 24.98
CA GLN A 266 2.38 -0.37 23.75
C GLN A 266 1.31 -0.58 22.70
N ALA A 267 0.10 -0.89 23.15
CA ALA A 267 -1.02 -1.09 22.23
C ALA A 267 -1.54 0.27 21.79
N LEU A 268 -1.73 1.19 22.73
CA LEU A 268 -2.25 2.49 22.40
C LEU A 268 -1.27 3.39 21.67
N LEU A 269 0.02 3.13 21.83
CA LEU A 269 1.01 3.98 21.19
C LEU A 269 1.70 3.36 19.99
N LEU A 270 1.45 2.08 19.75
CA LEU A 270 2.11 1.45 18.62
C LEU A 270 1.35 0.27 17.99
N ASP A 271 1.32 -0.86 18.68
CA ASP A 271 0.68 -2.08 18.18
C ASP A 271 -0.61 -1.86 17.42
N THR A 272 -1.65 -1.39 18.10
CA THR A 272 -2.92 -1.14 17.43
C THR A 272 -2.79 -0.26 16.21
N ALA A 273 -2.37 0.98 16.37
CA ALA A 273 -2.27 1.84 15.20
C ALA A 273 -1.42 1.22 14.11
N ARG A 274 -0.39 0.48 14.50
CA ARG A 274 0.50 -0.16 13.52
C ARG A 274 -0.21 -1.18 12.63
N ALA A 275 -1.25 -1.80 13.17
CA ALA A 275 -2.00 -2.77 12.40
C ALA A 275 -2.98 -2.07 11.46
N LEU A 276 -3.91 -1.30 12.02
CA LEU A 276 -4.91 -0.58 11.24
C LEU A 276 -4.34 0.24 10.08
N PHE A 277 -3.22 0.91 10.32
CA PHE A 277 -2.62 1.75 9.28
C PHE A 277 -1.48 1.05 8.57
N GLY A 278 -1.29 -0.23 8.86
CA GLY A 278 -0.21 -0.94 8.21
C GLY A 278 1.15 -0.24 8.22
N PHE A 279 1.77 -0.20 9.41
CA PHE A 279 3.08 0.42 9.55
C PHE A 279 4.13 -0.67 9.59
N GLU A 280 3.90 -1.71 8.79
CA GLU A 280 4.80 -2.85 8.69
C GLU A 280 6.26 -2.47 8.45
N LEU A 281 6.96 -2.05 9.51
CA LEU A 281 8.37 -1.68 9.38
C LEU A 281 9.25 -2.60 10.23
N GLU A 282 9.06 -2.56 11.54
CA GLU A 282 9.84 -3.39 12.44
C GLU A 282 11.33 -3.08 12.28
N LEU B 10 -11.65 -6.42 -8.56
CA LEU B 10 -12.73 -6.08 -9.53
C LEU B 10 -12.24 -4.91 -10.39
N HIS B 11 -12.55 -3.69 -9.97
CA HIS B 11 -12.16 -2.47 -10.70
C HIS B 11 -10.67 -2.41 -11.06
N LEU B 12 -10.38 -2.40 -12.36
CA LEU B 12 -9.01 -2.32 -12.87
C LEU B 12 -8.43 -0.94 -12.59
N THR B 13 -7.86 -0.78 -11.40
CA THR B 13 -7.29 0.50 -10.99
C THR B 13 -5.79 0.58 -11.28
N ALA B 14 -5.05 -0.50 -11.01
CA ALA B 14 -3.61 -0.55 -11.31
C ALA B 14 -3.11 -2.00 -11.32
N ILE B 15 -2.12 -2.27 -12.18
CA ILE B 15 -1.57 -3.62 -12.31
C ILE B 15 -0.09 -3.82 -11.93
N ASP B 16 0.13 -4.73 -10.97
CA ASP B 16 1.49 -5.08 -10.51
C ASP B 16 2.03 -6.24 -11.36
N SER B 17 3.07 -6.00 -12.15
CA SER B 17 3.63 -7.09 -12.95
C SER B 17 4.82 -7.65 -12.17
N HIS B 18 5.00 -8.96 -12.18
CA HIS B 18 6.10 -9.60 -11.46
C HIS B 18 5.92 -9.68 -9.95
N ALA B 19 5.72 -10.89 -9.44
CA ALA B 19 5.53 -11.13 -8.02
C ALA B 19 5.48 -12.64 -7.79
N HIS B 20 5.80 -13.08 -6.57
CA HIS B 20 5.81 -14.50 -6.27
C HIS B 20 4.93 -14.86 -5.09
N VAL B 21 4.44 -16.11 -5.05
CA VAL B 21 3.65 -16.62 -3.93
C VAL B 21 4.06 -18.08 -3.74
N PHE B 22 4.08 -18.53 -2.49
CA PHE B 22 4.45 -19.91 -2.15
C PHE B 22 4.20 -20.12 -0.67
N SER B 23 3.70 -21.29 -0.31
CA SER B 23 3.38 -21.57 1.09
C SER B 23 4.50 -22.24 1.86
N ARG B 24 4.75 -21.76 3.08
CA ARG B 24 5.80 -22.31 3.94
C ARG B 24 5.46 -23.77 4.34
N GLY B 25 4.17 -24.03 4.50
CA GLY B 25 3.72 -25.36 4.83
C GLY B 25 3.97 -26.28 3.64
N LEU B 26 3.88 -25.74 2.43
CA LEU B 26 4.11 -26.51 1.19
C LEU B 26 5.60 -26.66 0.96
N ASN B 27 6.35 -25.63 1.32
CA ASN B 27 7.81 -25.65 1.15
C ASN B 27 8.43 -26.57 2.21
N LEU B 28 7.61 -27.00 3.17
CA LEU B 28 8.06 -27.89 4.25
C LEU B 28 7.46 -29.30 4.06
N ALA B 29 6.26 -29.35 3.50
CA ALA B 29 5.60 -30.64 3.26
C ALA B 29 6.20 -31.32 2.03
N SER B 30 6.53 -30.54 1.01
CA SER B 30 7.13 -31.09 -0.21
C SER B 30 8.66 -31.14 -0.12
N GLN B 31 9.19 -30.56 0.96
CA GLN B 31 10.63 -30.53 1.23
C GLN B 31 11.52 -29.86 0.18
N ARG B 32 11.82 -28.58 0.43
CA ARG B 32 12.67 -27.77 -0.42
C ARG B 32 13.71 -27.14 0.51
N ARG B 33 14.83 -26.70 -0.02
CA ARG B 33 15.85 -26.13 0.84
C ARG B 33 16.57 -24.87 0.35
N TYR B 34 16.53 -24.58 -0.95
CA TYR B 34 17.22 -23.39 -1.48
C TYR B 34 16.86 -22.06 -0.78
N ALA B 35 15.82 -21.37 -1.23
CA ALA B 35 15.44 -20.11 -0.57
C ALA B 35 14.03 -20.12 0.02
N PRO B 36 13.65 -21.22 0.70
CA PRO B 36 12.32 -21.27 1.29
C PRO B 36 12.32 -21.26 2.81
N ASN B 37 11.75 -20.21 3.39
CA ASN B 37 11.71 -20.15 4.84
C ASN B 37 10.42 -19.53 5.34
N TYR B 38 10.11 -18.34 4.85
CA TYR B 38 8.89 -17.66 5.25
C TYR B 38 7.79 -18.08 4.30
N ASP B 39 6.59 -17.61 4.60
CA ASP B 39 5.41 -17.95 3.81
C ASP B 39 4.87 -16.74 3.04
N ALA B 40 4.62 -16.93 1.75
CA ALA B 40 4.10 -15.87 0.89
C ALA B 40 2.78 -16.31 0.27
N PRO B 41 1.76 -16.54 1.11
CA PRO B 41 0.45 -16.97 0.61
C PRO B 41 -0.24 -15.93 -0.28
N LEU B 42 -1.16 -16.41 -1.12
CA LEU B 42 -1.89 -15.52 -2.00
C LEU B 42 -2.52 -14.40 -1.17
N GLY B 43 -3.19 -14.76 -0.08
CA GLY B 43 -3.82 -13.77 0.77
C GLY B 43 -2.92 -12.60 1.14
N ASP B 44 -1.69 -12.88 1.58
CA ASP B 44 -0.81 -11.79 1.94
C ASP B 44 -0.56 -10.87 0.77
N TYR B 45 -0.25 -11.44 -0.37
CA TYR B 45 0.02 -10.66 -1.57
C TYR B 45 -1.17 -9.81 -1.96
N LEU B 46 -2.34 -10.44 -1.97
CA LEU B 46 -3.57 -9.76 -2.32
C LEU B 46 -3.80 -8.61 -1.35
N GLY B 47 -3.43 -8.82 -0.08
CA GLY B 47 -3.60 -7.79 0.93
C GLY B 47 -2.69 -6.60 0.64
N GLN B 48 -1.40 -6.90 0.49
CA GLN B 48 -0.41 -5.89 0.18
C GLN B 48 -0.80 -5.13 -1.09
N LEU B 49 -1.44 -5.82 -2.03
CA LEU B 49 -1.87 -5.16 -3.27
C LEU B 49 -2.94 -4.10 -3.01
N ARG B 50 -4.08 -4.49 -2.44
CA ARG B 50 -5.13 -3.50 -2.20
C ARG B 50 -4.68 -2.41 -1.26
N ALA B 51 -3.82 -2.77 -0.33
CA ALA B 51 -3.32 -1.81 0.64
C ALA B 51 -2.51 -0.70 -0.02
N HIS B 52 -1.98 -0.95 -1.21
CA HIS B 52 -1.20 0.10 -1.89
C HIS B 52 -1.79 0.57 -3.22
N GLY B 53 -3.06 0.30 -3.46
CA GLY B 53 -3.66 0.72 -4.71
C GLY B 53 -3.90 -0.46 -5.64
N PHE B 54 -2.86 -0.88 -6.33
CA PHE B 54 -2.94 -1.99 -7.26
C PHE B 54 -4.08 -2.97 -7.01
N SER B 55 -4.79 -3.32 -8.08
CA SER B 55 -5.93 -4.23 -8.02
C SER B 55 -5.70 -5.58 -8.72
N HIS B 56 -4.80 -5.58 -9.71
CA HIS B 56 -4.48 -6.77 -10.46
C HIS B 56 -2.98 -7.02 -10.39
N GLY B 57 -2.58 -8.28 -10.52
CA GLY B 57 -1.17 -8.60 -10.45
C GLY B 57 -0.79 -9.81 -11.27
N VAL B 58 0.51 -9.99 -11.48
CA VAL B 58 1.06 -11.09 -12.26
C VAL B 58 1.92 -11.98 -11.38
N LEU B 59 1.52 -13.24 -11.24
CA LEU B 59 2.27 -14.19 -10.42
C LEU B 59 3.36 -14.80 -11.28
N VAL B 60 4.61 -14.60 -10.93
CA VAL B 60 5.65 -15.21 -11.72
C VAL B 60 6.13 -16.43 -10.95
N GLN B 61 6.46 -17.49 -11.69
CA GLN B 61 6.92 -18.71 -11.05
C GLN B 61 8.23 -18.42 -10.30
N PRO B 62 8.30 -18.79 -9.02
CA PRO B 62 9.51 -18.56 -8.23
C PRO B 62 10.57 -19.61 -8.59
N SER B 63 11.81 -19.17 -8.84
CA SER B 63 12.88 -20.09 -9.22
C SER B 63 12.99 -21.39 -8.44
N PHE B 64 13.01 -21.31 -7.12
CA PHE B 64 13.16 -22.51 -6.30
C PHE B 64 12.07 -23.58 -6.46
N LEU B 65 11.11 -23.33 -7.34
CA LEU B 65 10.04 -24.29 -7.57
C LEU B 65 10.18 -24.97 -8.95
N GLY B 66 11.10 -24.44 -9.75
CA GLY B 66 11.34 -25.01 -11.06
C GLY B 66 10.10 -25.12 -11.92
N THR B 67 9.89 -26.28 -12.51
CA THR B 67 8.75 -26.49 -13.38
C THR B 67 7.44 -26.77 -12.69
N ASP B 68 7.47 -26.98 -11.38
CA ASP B 68 6.23 -27.24 -10.66
C ASP B 68 5.46 -25.93 -10.52
N ASN B 69 4.48 -25.71 -11.39
CA ASN B 69 3.68 -24.47 -11.36
C ASN B 69 2.32 -24.70 -10.70
N ARG B 70 2.21 -25.73 -9.87
CA ARG B 70 0.96 -26.07 -9.17
C ARG B 70 0.40 -24.98 -8.23
N TYR B 71 1.28 -24.36 -7.45
CA TYR B 71 0.80 -23.33 -6.52
C TYR B 71 0.36 -22.11 -7.32
N LEU B 72 1.17 -21.71 -8.30
CA LEU B 72 0.81 -20.57 -9.13
C LEU B 72 -0.51 -20.84 -9.81
N LEU B 73 -0.64 -22.01 -10.41
CA LEU B 73 -1.89 -22.36 -11.10
C LEU B 73 -3.10 -22.37 -10.18
N SER B 74 -2.89 -22.88 -8.96
CA SER B 74 -3.94 -22.97 -7.93
C SER B 74 -4.39 -21.59 -7.43
N ALA B 75 -3.47 -20.63 -7.44
CA ALA B 75 -3.76 -19.29 -6.97
C ALA B 75 -4.45 -18.47 -8.05
N LEU B 76 -4.20 -18.82 -9.31
CA LEU B 76 -4.80 -18.13 -10.44
C LEU B 76 -6.30 -18.38 -10.45
N GLN B 77 -6.68 -19.63 -10.20
CA GLN B 77 -8.09 -20.01 -10.18
C GLN B 77 -8.78 -19.49 -8.93
N THR B 78 -8.02 -19.33 -7.86
CA THR B 78 -8.54 -18.86 -6.58
C THR B 78 -9.12 -17.46 -6.73
N VAL B 79 -8.44 -16.63 -7.50
CA VAL B 79 -8.92 -15.27 -7.74
C VAL B 79 -8.92 -15.07 -9.25
N PRO B 80 -9.94 -15.63 -9.91
CA PRO B 80 -10.08 -15.53 -11.36
C PRO B 80 -10.15 -14.09 -11.90
N GLY B 81 -9.41 -13.85 -12.98
CA GLY B 81 -9.40 -12.55 -13.60
C GLY B 81 -8.46 -11.55 -12.96
N GLN B 82 -8.37 -11.59 -11.63
CA GLN B 82 -7.50 -10.67 -10.89
C GLN B 82 -6.01 -10.84 -11.15
N LEU B 83 -5.58 -12.05 -11.55
CA LEU B 83 -4.17 -12.30 -11.78
C LEU B 83 -3.90 -13.00 -13.10
N ARG B 84 -2.66 -12.93 -13.57
CA ARG B 84 -2.27 -13.61 -14.79
C ARG B 84 -1.09 -14.54 -14.55
N GLY B 85 0.02 -14.01 -14.09
CA GLY B 85 1.16 -14.86 -13.84
C GLY B 85 1.81 -15.62 -14.99
N VAL B 86 3.14 -15.77 -14.89
CA VAL B 86 3.96 -16.47 -15.88
C VAL B 86 4.56 -17.72 -15.23
N VAL B 87 4.79 -18.76 -16.02
CA VAL B 87 5.35 -20.01 -15.49
C VAL B 87 6.74 -20.39 -16.08
N LEU B 89 8.52 -23.70 -17.90
CA LEU B 89 8.22 -24.97 -18.53
C LEU B 89 9.44 -25.84 -18.78
N GLU B 90 9.25 -27.15 -18.74
CA GLU B 90 10.33 -28.09 -18.97
C GLU B 90 10.72 -27.99 -20.45
N ARG B 91 11.91 -28.49 -20.80
CA ARG B 91 12.40 -28.44 -22.17
C ARG B 91 11.31 -28.72 -23.21
N ASP B 92 10.85 -29.97 -23.31
CA ASP B 92 9.82 -30.31 -24.28
C ASP B 92 8.43 -30.45 -23.68
N VAL B 93 7.55 -29.53 -24.04
CA VAL B 93 6.18 -29.53 -23.53
C VAL B 93 5.19 -29.46 -24.67
N GLU B 94 4.07 -30.15 -24.52
CA GLU B 94 3.06 -30.16 -25.58
C GLU B 94 2.06 -29.00 -25.53
N GLN B 95 1.60 -28.57 -26.70
CA GLN B 95 0.63 -27.47 -26.76
C GLN B 95 -0.55 -27.69 -25.84
N ALA B 96 -0.97 -28.94 -25.70
CA ALA B 96 -2.10 -29.22 -24.85
C ALA B 96 -1.99 -28.55 -23.50
N THR B 97 -0.88 -28.74 -22.81
CA THR B 97 -0.77 -28.12 -21.50
C THR B 97 -0.64 -26.59 -21.55
N LEU B 98 -0.01 -26.04 -22.59
CA LEU B 98 0.13 -24.59 -22.70
C LEU B 98 -1.23 -23.93 -22.86
N ALA B 99 -2.11 -24.55 -23.64
CA ALA B 99 -3.44 -24.00 -23.86
C ALA B 99 -4.19 -24.00 -22.54
N GLU B 100 -4.21 -25.15 -21.86
CA GLU B 100 -4.90 -25.27 -20.58
C GLU B 100 -4.34 -24.30 -19.55
N ALA B 102 -2.98 -21.19 -20.46
CA ALA B 102 -3.43 -19.89 -20.92
C ALA B 102 -4.90 -19.74 -20.57
N ARG B 103 -5.57 -20.87 -20.50
CA ARG B 103 -6.97 -20.84 -20.17
C ARG B 103 -7.06 -20.50 -18.69
N LEU B 104 -6.00 -20.80 -17.93
CA LEU B 104 -5.99 -20.52 -16.50
C LEU B 104 -5.55 -19.09 -16.18
N GLY B 105 -4.87 -18.47 -17.14
CA GLY B 105 -4.42 -17.12 -16.93
C GLY B 105 -2.94 -16.86 -17.16
N VAL B 106 -2.15 -17.88 -17.46
CA VAL B 106 -0.73 -17.62 -17.67
C VAL B 106 -0.50 -17.14 -19.09
N ARG B 107 0.22 -16.02 -19.21
CA ARG B 107 0.47 -15.40 -20.49
C ARG B 107 1.94 -15.32 -20.92
N GLY B 108 2.82 -16.02 -20.23
CA GLY B 108 4.22 -15.99 -20.61
C GLY B 108 5.02 -17.09 -19.96
N VAL B 109 6.27 -17.23 -20.38
CA VAL B 109 7.17 -18.25 -19.82
C VAL B 109 8.45 -17.51 -19.45
N ARG B 110 9.03 -17.90 -18.31
CA ARG B 110 10.26 -17.29 -17.83
C ARG B 110 11.33 -18.36 -17.83
N LEU B 111 12.43 -18.08 -18.51
CA LEU B 111 13.53 -19.02 -18.57
C LEU B 111 14.25 -18.94 -17.24
N ASN B 112 14.46 -17.70 -16.80
CA ASN B 112 15.14 -17.35 -15.54
C ASN B 112 16.50 -18.01 -15.35
N LEU B 113 17.55 -17.40 -15.89
CA LEU B 113 18.91 -17.94 -15.77
C LEU B 113 19.60 -17.45 -14.50
N GLY B 115 22.58 -16.67 -12.57
CA GLY B 115 23.31 -17.58 -11.71
C GLY B 115 23.24 -19.00 -12.25
N GLN B 116 22.80 -19.10 -13.51
CA GLN B 116 22.68 -20.38 -14.20
C GLN B 116 23.56 -20.35 -15.44
N ASP B 117 23.80 -21.52 -16.02
CA ASP B 117 24.63 -21.64 -17.21
C ASP B 117 23.95 -21.05 -18.45
N PRO B 119 22.32 -20.45 -21.69
CA PRO B 119 21.65 -21.32 -22.65
C PRO B 119 21.79 -20.78 -24.05
N ASP B 120 21.79 -21.65 -25.04
CA ASP B 120 21.89 -21.21 -26.44
C ASP B 120 20.49 -21.25 -27.05
N LEU B 121 19.74 -20.16 -26.90
CA LEU B 121 18.38 -20.08 -27.41
C LEU B 121 18.28 -20.29 -28.91
N THR B 122 19.29 -19.86 -29.65
CA THR B 122 19.27 -20.01 -31.10
C THR B 122 19.55 -21.48 -31.44
N GLY B 123 19.94 -22.25 -30.43
CA GLY B 123 20.23 -23.66 -30.63
C GLY B 123 19.02 -24.48 -31.02
N ALA B 124 19.16 -25.80 -31.07
CA ALA B 124 18.05 -26.67 -31.44
C ALA B 124 17.45 -27.39 -30.25
N GLN B 125 18.10 -27.26 -29.09
CA GLN B 125 17.59 -27.92 -27.90
C GLN B 125 16.59 -27.04 -27.18
N TRP B 126 16.34 -25.85 -27.73
CA TRP B 126 15.40 -24.93 -27.13
C TRP B 126 14.26 -24.58 -28.09
N ARG B 127 14.53 -24.64 -29.39
CA ARG B 127 13.53 -24.33 -30.42
C ARG B 127 12.19 -25.07 -30.21
N PRO B 128 12.24 -26.37 -29.87
CA PRO B 128 11.02 -27.15 -29.66
C PRO B 128 10.02 -26.46 -28.73
N LEU B 129 10.55 -25.77 -27.71
CA LEU B 129 9.77 -25.05 -26.72
C LEU B 129 9.44 -23.63 -27.18
N LEU B 130 10.43 -22.97 -27.77
CA LEU B 130 10.23 -21.60 -28.27
C LEU B 130 9.12 -21.55 -29.30
N GLU B 131 8.96 -22.60 -30.08
CA GLU B 131 7.89 -22.63 -31.08
C GLU B 131 6.56 -22.85 -30.36
N ARG B 132 6.55 -23.73 -29.35
CA ARG B 132 5.33 -23.99 -28.60
C ARG B 132 4.74 -22.71 -28.02
N ILE B 133 5.56 -21.90 -27.37
CA ILE B 133 5.07 -20.67 -26.76
C ILE B 133 4.69 -19.63 -27.81
N GLY B 134 5.33 -19.70 -28.96
CA GLY B 134 5.02 -18.75 -30.03
C GLY B 134 3.61 -18.96 -30.59
N GLU B 135 3.23 -20.20 -30.82
CA GLU B 135 1.91 -20.54 -31.34
C GLU B 135 0.83 -20.21 -30.32
N GLN B 136 1.22 -20.01 -29.07
CA GLN B 136 0.26 -19.66 -28.03
C GLN B 136 0.20 -18.15 -27.87
N GLY B 137 1.21 -17.46 -28.39
CA GLY B 137 1.24 -16.02 -28.28
C GLY B 137 1.94 -15.54 -27.02
N TRP B 138 2.33 -16.48 -26.15
CA TRP B 138 3.01 -16.19 -24.90
C TRP B 138 4.33 -15.46 -25.07
N HIS B 139 4.67 -14.59 -24.14
CA HIS B 139 5.94 -13.90 -24.25
C HIS B 139 6.99 -14.65 -23.45
N VAL B 140 8.25 -14.28 -23.65
CA VAL B 140 9.37 -14.91 -22.94
C VAL B 140 10.07 -13.91 -22.02
N GLU B 141 10.08 -14.22 -20.73
CA GLU B 141 10.70 -13.36 -19.72
C GLU B 141 12.17 -13.69 -19.49
N LEU B 142 12.99 -12.66 -19.51
CA LEU B 142 14.42 -12.82 -19.29
C LEU B 142 14.87 -12.24 -17.96
N HIS B 143 15.89 -12.85 -17.37
CA HIS B 143 16.42 -12.40 -16.10
C HIS B 143 17.89 -12.78 -16.02
N ARG B 144 18.77 -11.84 -16.33
CA ARG B 144 20.21 -12.11 -16.27
C ARG B 144 21.00 -10.80 -16.36
N GLN B 145 22.30 -10.83 -16.08
CA GLN B 145 23.11 -9.60 -16.15
C GLN B 145 22.86 -8.88 -17.46
N VAL B 146 22.80 -7.54 -17.42
CA VAL B 146 22.56 -6.80 -18.65
C VAL B 146 23.55 -7.18 -19.73
N ALA B 147 24.75 -7.60 -19.31
CA ALA B 147 25.80 -7.98 -20.26
C ALA B 147 25.36 -9.08 -21.22
N ASP B 148 24.53 -10.01 -20.75
CA ASP B 148 24.04 -11.11 -21.57
C ASP B 148 22.66 -10.90 -22.22
N ILE B 149 21.94 -9.87 -21.79
CA ILE B 149 20.62 -9.58 -22.33
C ILE B 149 20.58 -9.41 -23.84
N PRO B 150 21.34 -8.48 -24.40
CA PRO B 150 21.30 -8.30 -25.85
C PRO B 150 21.57 -9.57 -26.68
N VAL B 151 22.26 -10.54 -26.08
CA VAL B 151 22.55 -11.78 -26.79
C VAL B 151 21.35 -12.72 -26.74
N LEU B 152 20.68 -12.74 -25.59
CA LEU B 152 19.50 -13.59 -25.39
C LEU B 152 18.32 -13.01 -26.16
N VAL B 153 18.27 -11.68 -26.25
CA VAL B 153 17.19 -11.01 -26.97
C VAL B 153 17.29 -11.23 -28.48
N ARG B 154 18.51 -11.12 -29.01
CA ARG B 154 18.77 -11.30 -30.43
C ARG B 154 18.63 -12.76 -30.85
N ALA B 155 18.67 -13.66 -29.89
CA ALA B 155 18.54 -15.09 -30.17
C ALA B 155 17.06 -15.43 -30.29
N LEU B 156 16.23 -14.79 -29.46
CA LEU B 156 14.80 -15.03 -29.47
C LEU B 156 14.13 -14.11 -30.47
N GLN B 157 14.92 -13.18 -30.99
CA GLN B 157 14.46 -12.19 -31.97
C GLN B 157 13.78 -12.81 -33.19
N PRO B 158 14.44 -13.81 -33.83
CA PRO B 158 13.88 -14.47 -35.02
C PRO B 158 12.52 -15.13 -34.82
N TYR B 159 12.34 -15.75 -33.65
CA TYR B 159 11.09 -16.45 -33.31
C TYR B 159 9.87 -15.54 -33.33
N GLY B 160 10.11 -14.24 -33.50
CA GLY B 160 9.03 -13.26 -33.58
C GLY B 160 8.07 -13.26 -32.41
N LEU B 161 8.60 -13.13 -31.20
CA LEU B 161 7.74 -13.12 -30.05
C LEU B 161 8.14 -12.02 -29.08
N ASP B 162 7.21 -11.69 -28.19
CA ASP B 162 7.44 -10.65 -27.19
C ASP B 162 8.53 -11.08 -26.21
N ILE B 163 9.42 -10.15 -25.93
CA ILE B 163 10.51 -10.39 -25.02
C ILE B 163 10.44 -9.39 -23.88
N VAL B 164 10.27 -9.91 -22.66
CA VAL B 164 10.21 -9.11 -21.44
C VAL B 164 11.50 -9.23 -20.64
N ILE B 165 12.17 -8.10 -20.42
CA ILE B 165 13.42 -8.04 -19.66
C ILE B 165 13.16 -7.65 -18.19
N ASP B 166 13.67 -8.45 -17.26
CA ASP B 166 13.49 -8.20 -15.83
C ASP B 166 14.44 -7.20 -15.19
N HIS B 167 13.89 -6.42 -14.25
CA HIS B 167 14.65 -5.44 -13.48
C HIS B 167 15.63 -4.60 -14.26
N PHE B 168 15.13 -3.71 -15.10
CA PHE B 168 16.01 -2.83 -15.87
C PHE B 168 17.06 -3.57 -16.67
N GLY B 169 16.96 -4.89 -16.69
CA GLY B 169 17.95 -5.67 -17.41
C GLY B 169 19.04 -6.10 -16.43
N ARG B 170 18.80 -5.86 -15.15
CA ARG B 170 19.75 -6.23 -14.11
C ARG B 170 21.13 -5.67 -14.42
N PRO B 171 21.23 -4.35 -14.63
CA PRO B 171 22.52 -3.74 -14.92
C PRO B 171 23.19 -3.45 -13.59
N ASP B 172 24.34 -2.79 -13.65
CA ASP B 172 25.13 -2.42 -12.46
C ASP B 172 24.91 -0.94 -12.10
N ALA B 173 24.16 -0.66 -11.06
CA ALA B 173 23.87 0.71 -10.64
C ALA B 173 25.12 1.59 -10.52
N ARG B 174 26.23 0.98 -10.13
CA ARG B 174 27.47 1.72 -10.00
C ARG B 174 28.36 1.46 -11.22
N ARG B 175 27.87 1.82 -12.40
CA ARG B 175 28.61 1.59 -13.63
C ARG B 175 28.22 2.54 -14.76
N GLY B 176 27.05 3.16 -14.64
CA GLY B 176 26.61 4.08 -15.67
C GLY B 176 25.73 3.45 -16.72
N LEU B 177 25.28 4.27 -17.66
CA LEU B 177 24.41 3.82 -18.74
C LEU B 177 25.20 3.23 -19.90
N GLY B 178 26.49 3.53 -19.95
CA GLY B 178 27.34 3.00 -21.00
C GLY B 178 27.90 1.63 -20.66
N GLN B 179 27.35 1.01 -19.62
CA GLN B 179 27.78 -0.31 -19.20
C GLN B 179 27.89 -1.22 -20.41
N PRO B 180 28.65 -2.31 -20.27
CA PRO B 180 28.85 -3.27 -21.36
C PRO B 180 27.55 -3.88 -21.93
N GLY B 181 26.53 -4.01 -21.09
CA GLY B 181 25.29 -4.60 -21.60
C GLY B 181 24.15 -3.62 -21.77
N PHE B 182 24.10 -2.62 -20.89
CA PHE B 182 23.04 -1.64 -20.94
C PHE B 182 23.14 -0.74 -22.15
N ALA B 183 24.35 -0.50 -22.62
CA ALA B 183 24.55 0.35 -23.76
C ALA B 183 23.85 -0.25 -24.97
N GLU B 184 24.14 -1.51 -25.26
CA GLU B 184 23.53 -2.18 -26.40
C GLU B 184 22.02 -2.19 -26.25
N LEU B 185 21.56 -2.18 -25.01
CA LEU B 185 20.14 -2.18 -24.72
C LEU B 185 19.45 -0.89 -25.18
N LEU B 186 20.11 0.25 -24.96
CA LEU B 186 19.56 1.55 -25.35
C LEU B 186 19.71 1.79 -26.84
N THR B 187 20.23 0.80 -27.54
CA THR B 187 20.46 0.92 -28.96
C THR B 187 20.00 -0.34 -29.66
N LEU B 188 19.45 -1.27 -28.88
CA LEU B 188 19.00 -2.54 -29.44
C LEU B 188 18.02 -2.36 -30.60
N SER B 189 17.91 -3.40 -31.42
CA SER B 189 17.01 -3.41 -32.57
C SER B 189 15.75 -4.20 -32.23
N GLY B 190 14.87 -3.60 -31.42
CA GLY B 190 13.65 -4.26 -31.03
C GLY B 190 12.45 -3.70 -31.78
N ARG B 191 11.86 -4.51 -32.65
CA ARG B 191 10.70 -4.09 -33.43
C ARG B 191 9.45 -4.02 -32.58
N GLY B 192 9.52 -3.22 -31.50
CA GLY B 192 8.40 -3.05 -30.59
C GLY B 192 7.96 -4.32 -29.90
N LYS B 193 8.72 -5.39 -30.10
CA LYS B 193 8.40 -6.66 -29.49
C LYS B 193 9.20 -6.87 -28.20
N VAL B 194 9.93 -5.84 -27.77
CA VAL B 194 10.72 -5.95 -26.57
C VAL B 194 10.22 -5.07 -25.42
N TRP B 195 9.92 -5.73 -24.32
CA TRP B 195 9.44 -5.08 -23.10
C TRP B 195 10.50 -5.14 -22.03
N VAL B 196 10.53 -4.11 -21.20
CA VAL B 196 11.47 -4.04 -20.13
C VAL B 196 10.74 -3.68 -18.84
N LYS B 197 10.98 -4.46 -17.80
CA LYS B 197 10.34 -4.23 -16.52
C LYS B 197 11.20 -3.37 -15.60
N VAL B 198 10.57 -2.36 -15.03
CA VAL B 198 11.23 -1.46 -14.10
C VAL B 198 10.78 -1.92 -12.71
N SER B 199 11.60 -2.76 -12.08
CA SER B 199 11.30 -3.32 -10.78
C SER B 199 12.54 -3.74 -10.00
N GLY B 200 12.36 -3.93 -8.71
CA GLY B 200 13.46 -4.34 -7.85
C GLY B 200 14.74 -3.55 -8.04
N ILE B 201 14.69 -2.23 -7.86
CA ILE B 201 15.92 -1.49 -8.05
C ILE B 201 16.90 -1.92 -6.97
N TYR B 202 16.39 -2.44 -5.85
CA TYR B 202 17.28 -2.88 -4.79
C TYR B 202 18.17 -4.06 -5.16
N ARG B 203 18.15 -4.44 -6.44
CA ARG B 203 18.95 -5.54 -6.93
C ARG B 203 20.13 -5.08 -7.77
N LEU B 204 20.21 -3.77 -8.04
CA LEU B 204 21.28 -3.22 -8.85
C LEU B 204 22.69 -3.23 -8.27
N GLN B 205 22.97 -4.14 -7.33
CA GLN B 205 24.29 -4.28 -6.72
C GLN B 205 24.85 -3.01 -6.09
N GLY B 206 23.98 -2.08 -5.75
CA GLY B 206 24.48 -0.85 -5.16
C GLY B 206 23.80 -0.47 -3.87
N SER B 207 24.06 0.76 -3.44
CA SER B 207 23.48 1.30 -2.22
C SER B 207 22.08 1.81 -2.59
N PRO B 208 21.14 1.73 -1.65
CA PRO B 208 19.77 2.19 -1.92
C PRO B 208 19.67 3.59 -2.55
N GLU B 209 20.70 4.40 -2.37
CA GLU B 209 20.75 5.75 -2.91
C GLU B 209 21.39 5.78 -4.29
N GLU B 210 22.25 4.80 -4.56
CA GLU B 210 22.91 4.72 -5.86
C GLU B 210 22.01 4.05 -6.89
N ASN B 211 21.35 2.97 -6.49
CA ASN B 211 20.46 2.24 -7.37
C ASN B 211 19.33 3.16 -7.76
N LEU B 212 18.84 3.91 -6.78
CA LEU B 212 17.77 4.85 -7.00
C LEU B 212 18.19 5.94 -7.98
N ALA B 213 19.44 6.40 -7.88
CA ALA B 213 19.89 7.44 -8.80
C ALA B 213 20.01 6.88 -10.21
N PHE B 214 20.46 5.63 -10.29
CA PHE B 214 20.62 4.96 -11.58
C PHE B 214 19.27 4.52 -12.16
N ALA B 215 18.36 4.14 -11.27
CA ALA B 215 17.04 3.71 -11.71
C ALA B 215 16.37 4.90 -12.39
N ARG B 216 16.68 6.09 -11.89
CA ARG B 216 16.12 7.32 -12.42
C ARG B 216 16.63 7.61 -13.83
N GLN B 217 17.94 7.49 -14.01
CA GLN B 217 18.56 7.72 -15.30
C GLN B 217 18.13 6.64 -16.28
N ALA B 218 18.17 5.39 -15.81
CA ALA B 218 17.80 4.22 -16.60
C ALA B 218 16.40 4.33 -17.21
N LEU B 219 15.46 4.79 -16.38
CA LEU B 219 14.08 4.95 -16.84
C LEU B 219 14.03 5.94 -18.00
N CYS B 220 14.55 7.14 -17.77
CA CYS B 220 14.51 8.14 -18.82
C CYS B 220 15.13 7.66 -20.11
N ALA B 221 16.27 6.97 -20.03
CA ALA B 221 16.93 6.46 -21.24
C ALA B 221 16.16 5.30 -21.86
N LEU B 222 15.67 4.41 -21.02
CA LEU B 222 14.90 3.26 -21.47
C LEU B 222 13.65 3.71 -22.23
N GLU B 223 12.81 4.51 -21.58
CA GLU B 223 11.59 4.98 -22.24
C GLU B 223 11.88 5.76 -23.51
N ALA B 224 13.03 6.43 -23.56
CA ALA B 224 13.40 7.21 -24.73
C ALA B 224 13.66 6.33 -25.94
N HIS B 225 14.05 5.08 -25.70
CA HIS B 225 14.34 4.15 -26.79
C HIS B 225 13.23 3.11 -27.01
N TYR B 226 12.54 2.74 -25.94
CA TYR B 226 11.47 1.77 -26.07
C TYR B 226 10.09 2.38 -26.03
N GLY B 227 9.92 3.38 -25.17
CA GLY B 227 8.63 4.05 -25.04
C GLY B 227 7.87 3.59 -23.82
N ALA B 228 6.96 4.43 -23.33
CA ALA B 228 6.15 4.14 -22.16
C ALA B 228 5.29 2.90 -22.34
N GLU B 229 4.88 2.63 -23.57
CA GLU B 229 4.04 1.47 -23.87
C GLU B 229 4.85 0.19 -23.83
N ARG B 230 6.10 0.28 -23.37
CA ARG B 230 6.96 -0.89 -23.29
C ARG B 230 7.61 -1.05 -21.94
N LEU B 231 7.29 -0.14 -21.02
CA LEU B 231 7.84 -0.20 -19.68
C LEU B 231 6.72 -0.41 -18.66
N TRP B 233 5.87 -1.39 -14.29
CA TRP B 233 6.38 -1.51 -12.93
C TRP B 233 6.06 -2.82 -12.22
N GLY B 234 7.04 -3.34 -11.50
CA GLY B 234 6.84 -4.57 -10.75
C GLY B 234 7.21 -4.38 -9.28
N SER B 235 6.58 -5.11 -8.38
CA SER B 235 6.91 -4.96 -6.97
C SER B 235 7.99 -5.96 -6.61
N ASP B 236 7.96 -7.12 -7.26
CA ASP B 236 8.94 -8.17 -7.03
C ASP B 236 8.77 -8.78 -5.66
N TRP B 237 7.60 -8.57 -5.07
CA TRP B 237 7.25 -9.12 -3.76
C TRP B 237 7.34 -10.64 -3.83
N PRO B 238 7.69 -11.30 -2.71
CA PRO B 238 7.98 -10.72 -1.40
C PRO B 238 9.40 -10.18 -1.30
N HIS B 239 10.03 -9.95 -2.44
CA HIS B 239 11.39 -9.44 -2.47
C HIS B 239 12.31 -10.48 -1.83
N THR B 240 12.66 -11.53 -2.57
CA THR B 240 13.53 -12.57 -2.04
C THR B 240 14.98 -12.08 -1.91
N GLN B 241 15.66 -12.51 -0.84
CA GLN B 241 17.04 -12.13 -0.52
C GLN B 241 17.17 -10.67 -0.07
N HIS B 242 16.03 -10.04 0.14
CA HIS B 242 15.97 -8.64 0.55
C HIS B 242 14.72 -8.41 1.40
N GLU B 243 14.23 -9.45 2.06
CA GLU B 243 13.03 -9.33 2.88
C GLU B 243 13.24 -8.35 4.03
N SER B 244 14.44 -8.37 4.59
CA SER B 244 14.79 -7.51 5.72
C SER B 244 14.84 -6.04 5.38
N GLU B 245 15.19 -5.73 4.13
CA GLU B 245 15.32 -4.36 3.70
C GLU B 245 14.13 -3.79 2.91
N VAL B 246 13.43 -4.66 2.19
CA VAL B 246 12.31 -4.26 1.35
C VAL B 246 10.96 -4.87 1.67
N SER B 247 9.93 -4.07 1.41
CA SER B 247 8.53 -4.45 1.61
C SER B 247 7.74 -3.81 0.47
N PHE B 248 6.52 -4.26 0.26
CA PHE B 248 5.69 -3.74 -0.80
C PHE B 248 5.66 -2.21 -0.69
N GLY B 249 5.46 -1.68 0.51
CA GLY B 249 5.44 -0.24 0.69
C GLY B 249 6.76 0.43 0.32
N SER B 250 7.88 -0.13 0.78
CA SER B 250 9.16 0.48 0.47
C SER B 250 9.41 0.40 -1.03
N ALA B 251 8.78 -0.56 -1.68
CA ALA B 251 8.95 -0.70 -3.11
C ALA B 251 8.16 0.39 -3.84
N VAL B 252 6.93 0.65 -3.41
CA VAL B 252 6.09 1.68 -4.02
C VAL B 252 6.74 3.06 -3.83
N GLU B 253 7.23 3.29 -2.61
CA GLU B 253 7.90 4.52 -2.20
C GLU B 253 9.06 4.82 -3.12
N GLN B 254 9.75 3.78 -3.59
CA GLN B 254 10.88 3.95 -4.52
C GLN B 254 10.33 4.30 -5.89
N PHE B 255 9.12 3.82 -6.17
CA PHE B 255 8.51 4.12 -7.46
C PHE B 255 8.16 5.60 -7.45
N GLU B 256 7.47 6.04 -6.40
CA GLU B 256 7.09 7.43 -6.23
C GLU B 256 8.33 8.30 -6.32
N ALA B 257 9.46 7.78 -5.84
CA ALA B 257 10.71 8.53 -5.85
C ALA B 257 11.26 8.78 -7.25
N LEU B 258 11.06 7.84 -8.17
CA LEU B 258 11.56 8.01 -9.53
C LEU B 258 11.13 9.36 -10.09
N GLY B 259 9.98 9.83 -9.64
CA GLY B 259 9.48 11.12 -10.10
C GLY B 259 8.97 11.04 -11.53
N CYS B 260 8.06 10.09 -11.77
CA CYS B 260 7.48 9.92 -13.08
C CYS B 260 6.24 10.80 -13.23
N SER B 261 6.13 11.47 -14.36
CA SER B 261 4.98 12.33 -14.64
C SER B 261 3.72 11.48 -14.62
N ALA B 262 2.56 12.10 -14.38
CA ALA B 262 1.31 11.35 -14.32
C ALA B 262 1.12 10.41 -15.52
N GLN B 263 1.57 10.82 -16.71
CA GLN B 263 1.42 9.98 -17.90
C GLN B 263 2.14 8.65 -17.82
N LEU B 264 3.44 8.70 -17.55
CA LEU B 264 4.27 7.51 -17.45
C LEU B 264 3.78 6.57 -16.37
N ARG B 265 3.37 7.13 -15.23
CA ARG B 265 2.88 6.32 -14.11
C ARG B 265 1.68 5.49 -14.53
N GLN B 266 0.84 6.05 -15.38
CA GLN B 266 -0.34 5.32 -15.84
C GLN B 266 0.07 4.20 -16.78
N ALA B 267 1.20 4.39 -17.46
CA ALA B 267 1.73 3.38 -18.37
C ALA B 267 2.45 2.31 -17.56
N LEU B 268 3.28 2.73 -16.61
CA LEU B 268 4.02 1.77 -15.79
C LEU B 268 3.17 1.03 -14.79
N LEU B 269 2.03 1.60 -14.39
CA LEU B 269 1.19 0.95 -13.40
C LEU B 269 -0.08 0.34 -13.94
N LEU B 270 -0.36 0.58 -15.22
CA LEU B 270 -1.58 0.04 -15.80
C LEU B 270 -1.56 -0.25 -17.29
N ASP B 271 -1.62 0.81 -18.10
CA ASP B 271 -1.65 0.70 -19.56
C ASP B 271 -0.78 -0.40 -20.15
N THR B 272 0.54 -0.27 -20.01
CA THR B 272 1.44 -1.27 -20.55
C THR B 272 1.12 -2.68 -20.05
N ALA B 273 1.24 -2.93 -18.75
CA ALA B 273 0.94 -4.26 -18.28
C ALA B 273 -0.43 -4.75 -18.74
N ARG B 274 -1.39 -3.85 -18.80
CA ARG B 274 -2.75 -4.21 -19.21
C ARG B 274 -2.82 -4.76 -20.63
N ALA B 275 -1.89 -4.30 -21.48
CA ALA B 275 -1.85 -4.78 -22.86
C ALA B 275 -1.18 -6.15 -22.94
N LEU B 276 0.10 -6.21 -22.55
CA LEU B 276 0.85 -7.46 -22.58
C LEU B 276 0.16 -8.66 -21.95
N PHE B 277 -0.49 -8.44 -20.82
CA PHE B 277 -1.17 -9.54 -20.12
C PHE B 277 -2.65 -9.55 -20.39
N GLY B 278 -3.10 -8.77 -21.36
CA GLY B 278 -4.53 -8.75 -21.66
C GLY B 278 -5.44 -8.67 -20.44
N PHE B 279 -5.53 -7.50 -19.82
CA PHE B 279 -6.38 -7.29 -18.67
C PHE B 279 -7.61 -6.53 -19.14
N GLU B 280 -8.07 -6.88 -20.33
CA GLU B 280 -9.23 -6.27 -20.95
C GLU B 280 -10.47 -6.27 -20.03
N LEU B 281 -10.54 -5.34 -19.09
CA LEU B 281 -11.68 -5.26 -18.19
C LEU B 281 -12.26 -3.85 -18.16
N GLU B 282 -11.41 -2.87 -17.87
CA GLU B 282 -11.81 -1.46 -17.80
C GLU B 282 -12.76 -1.16 -16.63
#